data_2ZK7
#
_entry.id   2ZK7
#
_cell.length_a   68.238
_cell.length_b   68.238
_cell.length_c   337.356
_cell.angle_alpha   90.00
_cell.angle_beta   90.00
_cell.angle_gamma   120.00
#
_symmetry.space_group_name_H-M   'P 61 2 2'
#
loop_
_entity.id
_entity.type
_entity.pdbx_description
1 polymer 'Glucose 1-dehydrogenase related protein'
2 water water
#
_entity_poly.entity_id   1
_entity_poly.type   'polypeptide(L)'
_entity_poly.pdbx_seq_one_letter_code
;MGHHHHHHMFSDLRDKVVIVTGASMGIGRAIAERFVDEGSKVIDLSIHDPGEAKYDHIECDVTNPDQVKASIDHIFKEYG
SISVLVNNAGIESYGKIESMSMGEWRRIIDVNLFGYYYASKFAIPYMIRSRDPSIVNISSVQASIITKNASAYVTSKHAV
IGLTKSIALDYAPLLRCNAVCPATIDTPLVRKAAELEVGSDPMRIEKKISEWGHEHPMQRIGKPQEVASAVAFLASREAS
FITGTCLYVDGGLSIRA
;
_entity_poly.pdbx_strand_id   A,B
#
# COMPACT_ATOMS: atom_id res chain seq x y z
N PHE A 10 -11.65 -30.34 -3.76
CA PHE A 10 -10.23 -30.19 -4.22
C PHE A 10 -9.40 -31.43 -3.88
N SER A 11 -9.18 -32.27 -4.88
CA SER A 11 -8.41 -33.51 -4.70
C SER A 11 -6.90 -33.29 -4.57
N ASP A 12 -6.45 -32.05 -4.66
CA ASP A 12 -5.02 -31.76 -4.55
C ASP A 12 -4.63 -31.20 -3.19
N LEU A 13 -5.58 -30.59 -2.50
CA LEU A 13 -5.32 -29.96 -1.20
C LEU A 13 -4.96 -30.95 -0.10
N ARG A 14 -5.40 -32.21 -0.26
CA ARG A 14 -5.15 -33.27 0.73
C ARG A 14 -3.66 -33.54 0.94
N ASP A 15 -3.23 -33.49 2.19
CA ASP A 15 -1.84 -33.69 2.63
C ASP A 15 -0.85 -32.65 2.09
N LYS A 16 -1.40 -31.49 1.71
CA LYS A 16 -0.61 -30.33 1.34
C LYS A 16 -0.29 -29.57 2.63
N VAL A 17 0.90 -28.98 2.70
CA VAL A 17 1.31 -28.24 3.89
C VAL A 17 0.87 -26.79 3.77
N VAL A 18 0.05 -26.36 4.73
CA VAL A 18 -0.60 -25.06 4.71
C VAL A 18 -0.34 -24.29 6.00
N ILE A 19 0.43 -23.22 5.89
CA ILE A 19 0.62 -22.31 7.02
C ILE A 19 -0.49 -21.28 7.06
N VAL A 20 -1.13 -21.13 8.21
CA VAL A 20 -2.16 -20.12 8.42
C VAL A 20 -1.80 -19.21 9.59
N THR A 21 -1.43 -17.97 9.29
CA THR A 21 -1.07 -16.99 10.32
C THR A 21 -2.32 -16.51 11.05
N GLY A 22 -2.15 -16.07 12.30
CA GLY A 22 -3.25 -15.59 13.12
C GLY A 22 -4.53 -16.38 12.87
N ALA A 23 -4.44 -17.70 13.03
CA ALA A 23 -5.55 -18.60 12.78
C ALA A 23 -6.29 -18.94 14.06
N SER A 24 -6.27 -18.01 15.00
CA SER A 24 -6.82 -18.21 16.34
C SER A 24 -8.35 -18.26 16.37
N MET A 25 -8.99 -17.15 16.01
CA MET A 25 -10.46 -17.08 15.94
C MET A 25 -10.94 -16.33 14.69
N GLY A 26 -12.24 -16.44 14.42
CA GLY A 26 -12.90 -15.70 13.35
C GLY A 26 -12.52 -16.16 11.96
N ILE A 27 -12.09 -15.20 11.14
CA ILE A 27 -11.62 -15.46 9.78
C ILE A 27 -10.45 -16.44 9.76
N GLY A 28 -9.49 -16.27 10.68
CA GLY A 28 -8.34 -17.16 10.79
C GLY A 28 -8.72 -18.56 11.24
N ARG A 29 -9.67 -18.65 12.17
CA ARG A 29 -10.24 -19.92 12.60
C ARG A 29 -10.80 -20.66 11.40
N ALA A 30 -11.71 -20.01 10.68
CA ALA A 30 -12.48 -20.64 9.62
C ALA A 30 -11.63 -21.11 8.45
N ILE A 31 -10.56 -20.38 8.14
CA ILE A 31 -9.63 -20.77 7.07
C ILE A 31 -8.82 -21.99 7.51
N ALA A 32 -8.20 -21.90 8.68
CA ALA A 32 -7.54 -23.05 9.29
C ALA A 32 -8.43 -24.28 9.22
N GLU A 33 -9.60 -24.20 9.85
CA GLU A 33 -10.60 -25.28 9.88
C GLU A 33 -10.95 -25.83 8.49
N ARG A 34 -11.01 -24.94 7.50
CA ARG A 34 -11.36 -25.31 6.12
C ARG A 34 -10.36 -26.25 5.46
N PHE A 35 -9.06 -25.94 5.59
CA PHE A 35 -8.02 -26.81 5.08
C PHE A 35 -7.99 -28.14 5.84
N VAL A 36 -8.22 -28.09 7.15
CA VAL A 36 -8.33 -29.30 7.96
C VAL A 36 -9.45 -30.21 7.43
N ASP A 37 -10.54 -29.59 6.97
CA ASP A 37 -11.64 -30.33 6.33
C ASP A 37 -11.19 -30.96 5.02
N GLU A 38 -10.18 -30.35 4.39
CA GLU A 38 -9.76 -30.71 3.03
C GLU A 38 -8.66 -31.77 2.98
N GLY A 39 -8.26 -32.27 4.15
CA GLY A 39 -7.24 -33.30 4.26
C GLY A 39 -5.82 -32.76 4.31
N SER A 40 -5.71 -31.43 4.32
CA SER A 40 -4.43 -30.74 4.40
C SER A 40 -3.82 -30.79 5.80
N LYS A 41 -2.50 -30.59 5.87
CA LYS A 41 -1.77 -30.53 7.13
C LYS A 41 -1.57 -29.07 7.51
N VAL A 42 -2.25 -28.65 8.59
CA VAL A 42 -2.31 -27.22 8.93
C VAL A 42 -1.43 -26.82 10.10
N ILE A 43 -0.72 -25.71 9.93
CA ILE A 43 0.13 -25.13 10.97
C ILE A 43 -0.28 -23.69 11.22
N ASP A 44 -0.56 -23.37 12.48
CA ASP A 44 -0.93 -22.00 12.88
C ASP A 44 0.27 -21.20 13.36
N LEU A 45 0.48 -20.03 12.76
CA LEU A 45 1.50 -19.08 13.23
C LEU A 45 0.87 -17.88 13.92
N SER A 46 0.68 -17.97 15.24
CA SER A 46 0.09 -16.87 15.99
C SER A 46 0.83 -16.66 17.31
N ILE A 47 0.45 -15.62 18.04
CA ILE A 47 0.98 -15.39 19.37
C ILE A 47 0.21 -16.20 20.42
N HIS A 48 -1.10 -16.35 20.20
CA HIS A 48 -1.95 -17.07 21.15
C HIS A 48 -2.34 -18.45 20.65
N ASP A 49 -1.97 -19.46 21.44
CA ASP A 49 -2.31 -20.86 21.14
C ASP A 49 -3.67 -21.27 21.70
N PRO A 50 -4.50 -21.94 20.87
CA PRO A 50 -5.75 -22.52 21.36
C PRO A 50 -5.58 -23.98 21.81
N GLY A 51 -6.67 -24.61 22.23
CA GLY A 51 -6.72 -26.06 22.39
C GLY A 51 -6.79 -26.68 21.00
N GLU A 52 -6.27 -27.88 20.85
CA GLU A 52 -6.28 -28.56 19.53
C GLU A 52 -5.77 -29.99 19.50
N ALA A 53 -6.25 -30.72 18.50
CA ALA A 53 -5.71 -32.00 18.08
C ALA A 53 -5.73 -32.06 16.56
N LYS A 54 -6.54 -31.20 15.95
CA LYS A 54 -6.78 -31.21 14.50
C LYS A 54 -5.62 -30.64 13.70
N TYR A 55 -5.02 -29.55 14.18
CA TYR A 55 -3.91 -28.91 13.46
C TYR A 55 -2.80 -28.33 14.34
N ASP A 56 -1.57 -28.41 13.82
CA ASP A 56 -0.38 -27.88 14.49
C ASP A 56 -0.49 -26.41 14.89
N HIS A 57 0.30 -26.03 15.89
CA HIS A 57 0.47 -24.64 16.25
C HIS A 57 1.96 -24.35 16.43
N ILE A 58 2.40 -23.17 16.03
CA ILE A 58 3.74 -22.67 16.35
C ILE A 58 3.66 -21.24 16.86
N GLU A 59 4.10 -21.03 18.10
CA GLU A 59 4.19 -19.72 18.73
C GLU A 59 5.08 -18.79 17.90
N CYS A 60 4.46 -17.79 17.27
CA CYS A 60 5.18 -16.90 16.36
C CYS A 60 4.49 -15.54 16.16
N ASP A 61 5.17 -14.48 16.61
CA ASP A 61 4.74 -13.12 16.36
C ASP A 61 5.24 -12.70 14.98
N VAL A 62 4.33 -12.61 14.02
CA VAL A 62 4.70 -12.40 12.62
C VAL A 62 5.34 -11.04 12.31
N THR A 63 5.26 -10.11 13.26
CA THR A 63 5.92 -8.82 13.14
C THR A 63 7.37 -8.88 13.60
N ASN A 64 7.79 -10.04 14.09
CA ASN A 64 9.18 -10.30 14.44
C ASN A 64 9.82 -11.19 13.38
N PRO A 65 10.73 -10.63 12.56
CA PRO A 65 11.32 -11.41 11.45
C PRO A 65 12.16 -12.60 11.93
N ASP A 66 12.85 -12.45 13.06
CA ASP A 66 13.63 -13.54 13.67
C ASP A 66 12.75 -14.75 13.94
N GLN A 67 11.70 -14.55 14.75
CA GLN A 67 10.73 -15.59 15.06
C GLN A 67 10.10 -16.19 13.80
N VAL A 68 9.77 -15.33 12.84
CA VAL A 68 9.16 -15.77 11.60
C VAL A 68 10.10 -16.73 10.88
N LYS A 69 11.31 -16.25 10.60
CA LYS A 69 12.33 -17.05 9.93
C LYS A 69 12.51 -18.38 10.63
N ALA A 70 12.77 -18.31 11.94
CA ALA A 70 12.95 -19.50 12.76
C ALA A 70 11.78 -20.47 12.59
N SER A 71 10.57 -19.93 12.65
CA SER A 71 9.37 -20.76 12.66
C SER A 71 9.14 -21.49 11.35
N ILE A 72 9.37 -20.80 10.24
CA ILE A 72 9.22 -21.38 8.91
C ILE A 72 10.33 -22.41 8.60
N ASP A 73 11.55 -22.11 9.05
CA ASP A 73 12.66 -23.05 8.93
C ASP A 73 12.27 -24.33 9.65
N HIS A 74 11.77 -24.17 10.86
CA HIS A 74 11.33 -25.27 11.70
C HIS A 74 10.25 -26.07 10.98
N ILE A 75 9.21 -25.38 10.52
CA ILE A 75 8.10 -26.02 9.82
C ILE A 75 8.61 -26.90 8.67
N PHE A 76 9.49 -26.34 7.84
CA PHE A 76 10.06 -27.09 6.72
C PHE A 76 10.87 -28.30 7.16
N LYS A 77 11.58 -28.18 8.28
CA LYS A 77 12.34 -29.31 8.80
C LYS A 77 11.40 -30.44 9.27
N GLU A 78 10.21 -30.09 9.75
CA GLU A 78 9.26 -31.10 10.24
C GLU A 78 8.55 -31.81 9.09
N TYR A 79 8.13 -31.04 8.09
CA TYR A 79 7.24 -31.52 7.03
C TYR A 79 7.93 -31.72 5.68
N GLY A 80 9.14 -31.22 5.54
CA GLY A 80 9.88 -31.29 4.28
C GLY A 80 9.13 -30.66 3.11
N SER A 81 8.16 -29.81 3.41
CA SER A 81 7.30 -29.20 2.39
C SER A 81 6.45 -28.06 2.94
N ILE A 82 6.28 -27.02 2.13
CA ILE A 82 5.27 -25.97 2.34
C ILE A 82 4.66 -25.63 0.99
N SER A 83 3.35 -25.88 0.84
CA SER A 83 2.65 -25.60 -0.41
C SER A 83 1.79 -24.33 -0.36
N VAL A 84 1.28 -23.99 0.82
CA VAL A 84 0.35 -22.87 0.98
C VAL A 84 0.71 -22.01 2.17
N LEU A 85 0.67 -20.69 1.97
CA LEU A 85 0.78 -19.75 3.06
C LEU A 85 -0.44 -18.85 3.01
N VAL A 86 -1.16 -18.77 4.12
CA VAL A 86 -2.25 -17.80 4.26
C VAL A 86 -1.82 -16.72 5.25
N ASN A 87 -1.61 -15.51 4.73
CA ASN A 87 -1.38 -14.35 5.58
C ASN A 87 -2.70 -13.72 5.91
N ASN A 88 -3.05 -13.73 7.20
CA ASN A 88 -4.33 -13.20 7.67
C ASN A 88 -4.14 -12.10 8.70
N ALA A 89 -4.85 -10.97 8.49
CA ALA A 89 -4.74 -9.78 9.33
C ALA A 89 -4.62 -10.08 10.82
N SER A 101 -3.54 7.16 17.39
CA SER A 101 -2.21 7.74 17.46
C SER A 101 -1.24 7.07 16.47
N MET A 102 -0.12 7.76 16.21
CA MET A 102 0.88 7.29 15.26
C MET A 102 1.44 5.92 15.60
N GLY A 103 1.68 5.67 16.88
CA GLY A 103 2.14 4.37 17.36
C GLY A 103 1.18 3.26 16.93
N GLU A 104 -0.10 3.46 17.25
CA GLU A 104 -1.18 2.56 16.84
C GLU A 104 -1.25 2.44 15.31
N TRP A 105 -1.09 3.57 14.62
CA TRP A 105 -1.12 3.59 13.15
C TRP A 105 0.00 2.74 12.57
N ARG A 106 1.22 2.99 13.06
CA ARG A 106 2.42 2.26 12.64
C ARG A 106 2.36 0.79 13.04
N ARG A 107 1.62 0.50 14.12
CA ARG A 107 1.43 -0.87 14.60
C ARG A 107 0.53 -1.66 13.65
N ILE A 108 -0.50 -1.00 13.12
CA ILE A 108 -1.41 -1.63 12.19
C ILE A 108 -0.71 -1.95 10.87
N ILE A 109 0.07 -0.99 10.36
CA ILE A 109 0.88 -1.20 9.17
C ILE A 109 1.89 -2.34 9.37
N ASP A 110 2.41 -2.45 10.59
CA ASP A 110 3.29 -3.56 10.96
C ASP A 110 2.58 -4.92 10.92
N VAL A 111 1.38 -4.98 11.50
CA VAL A 111 0.62 -6.22 11.54
C VAL A 111 0.06 -6.56 10.16
N ASN A 112 -0.76 -5.66 9.62
CA ASN A 112 -1.49 -5.92 8.39
C ASN A 112 -0.62 -6.00 7.14
N LEU A 113 0.58 -5.41 7.21
CA LEU A 113 1.47 -5.35 6.05
C LEU A 113 2.82 -6.01 6.29
N PHE A 114 3.58 -5.50 7.24
CA PHE A 114 4.91 -6.02 7.48
C PHE A 114 4.92 -7.49 7.87
N GLY A 115 3.86 -7.95 8.55
CA GLY A 115 3.68 -9.37 8.85
C GLY A 115 3.60 -10.24 7.61
N TYR A 116 2.84 -9.77 6.62
CA TYR A 116 2.68 -10.46 5.34
C TYR A 116 3.99 -10.51 4.54
N TYR A 117 4.76 -9.43 4.62
CA TYR A 117 6.05 -9.38 3.96
C TYR A 117 7.06 -10.40 4.54
N TYR A 118 7.13 -10.45 5.87
CA TYR A 118 8.10 -11.31 6.55
C TYR A 118 7.81 -12.79 6.34
N ALA A 119 6.55 -13.20 6.49
CA ALA A 119 6.20 -14.60 6.29
C ALA A 119 6.39 -15.01 4.82
N SER A 120 6.09 -14.08 3.90
CA SER A 120 6.24 -14.34 2.47
C SER A 120 7.69 -14.49 2.12
N LYS A 121 8.48 -13.50 2.55
CA LYS A 121 9.92 -13.45 2.30
C LYS A 121 10.61 -14.77 2.70
N PHE A 122 10.22 -15.33 3.84
CA PHE A 122 10.89 -16.49 4.38
C PHE A 122 10.31 -17.81 3.89
N ALA A 123 9.04 -17.83 3.53
CA ALA A 123 8.40 -19.07 3.09
C ALA A 123 8.69 -19.39 1.63
N ILE A 124 8.90 -18.35 0.84
CA ILE A 124 8.98 -18.46 -0.61
C ILE A 124 10.06 -19.44 -1.10
N PRO A 125 11.32 -19.31 -0.61
CA PRO A 125 12.35 -20.25 -1.05
C PRO A 125 11.95 -21.71 -0.84
N TYR A 126 11.37 -22.00 0.32
CA TYR A 126 10.86 -23.33 0.63
C TYR A 126 9.71 -23.73 -0.29
N MET A 127 8.83 -22.77 -0.56
CA MET A 127 7.65 -23.01 -1.37
C MET A 127 7.97 -23.29 -2.85
N ILE A 128 9.01 -22.64 -3.39
CA ILE A 128 9.40 -22.82 -4.81
C ILE A 128 9.75 -24.28 -5.13
N ARG A 129 10.09 -25.04 -4.09
CA ARG A 129 10.50 -26.42 -4.27
C ARG A 129 9.43 -27.42 -3.87
N SER A 130 8.27 -26.92 -3.45
CA SER A 130 7.16 -27.79 -3.03
C SER A 130 6.10 -27.86 -4.13
N ARG A 131 5.18 -28.83 -4.02
CA ARG A 131 4.15 -28.98 -5.06
C ARG A 131 3.11 -27.86 -5.03
N ASP A 132 2.94 -27.22 -6.17
CA ASP A 132 1.94 -26.16 -6.38
C ASP A 132 1.91 -25.13 -5.26
N PRO A 133 2.99 -24.34 -5.12
CA PRO A 133 3.00 -23.31 -4.09
C PRO A 133 2.02 -22.20 -4.42
N SER A 134 1.31 -21.73 -3.39
CA SER A 134 0.28 -20.71 -3.51
C SER A 134 0.27 -19.86 -2.27
N ILE A 135 0.33 -18.54 -2.44
CA ILE A 135 0.21 -17.59 -1.33
C ILE A 135 -1.11 -16.84 -1.44
N VAL A 136 -1.81 -16.74 -0.31
CA VAL A 136 -3.08 -16.03 -0.21
C VAL A 136 -3.02 -15.01 0.93
N ASN A 137 -3.18 -13.75 0.57
CA ASN A 137 -3.21 -12.67 1.55
C ASN A 137 -4.62 -12.17 1.77
N ILE A 138 -5.05 -12.13 3.02
CA ILE A 138 -6.37 -11.61 3.34
C ILE A 138 -6.22 -10.13 3.68
N SER A 139 -7.06 -9.29 3.07
CA SER A 139 -7.20 -7.90 3.52
C SER A 139 -8.02 -7.83 4.83
N SER A 140 -8.16 -6.64 5.39
CA SER A 140 -8.71 -6.50 6.74
C SER A 140 -10.22 -6.22 6.77
N VAL A 141 -10.59 -5.15 7.48
CA VAL A 141 -11.98 -4.70 7.66
C VAL A 141 -12.90 -4.96 6.47
N LYS A 148 -13.21 5.49 14.63
CA LYS A 148 -12.81 6.84 14.23
C LYS A 148 -12.16 6.81 12.83
N ASN A 149 -10.83 6.84 12.80
CA ASN A 149 -10.09 6.93 11.53
C ASN A 149 -9.65 5.57 10.99
N ALA A 150 -10.34 5.12 9.95
CA ALA A 150 -10.06 3.82 9.30
C ALA A 150 -8.77 3.83 8.46
N SER A 151 -8.00 4.91 8.64
CA SER A 151 -6.82 5.25 7.83
C SER A 151 -5.81 4.11 7.60
N ALA A 152 -5.24 3.57 8.67
CA ALA A 152 -4.23 2.52 8.58
C ALA A 152 -4.79 1.19 8.07
N TYR A 153 -6.08 0.99 8.23
CA TYR A 153 -6.73 -0.21 7.75
C TYR A 153 -6.85 -0.17 6.23
N VAL A 154 -7.44 0.90 5.72
CA VAL A 154 -7.61 1.11 4.28
C VAL A 154 -6.25 1.12 3.56
N THR A 155 -5.31 1.90 4.10
CA THR A 155 -3.96 1.98 3.56
C THR A 155 -3.35 0.59 3.39
N SER A 156 -3.37 -0.20 4.46
CA SER A 156 -2.74 -1.51 4.47
C SER A 156 -3.45 -2.54 3.59
N LYS A 157 -4.76 -2.38 3.42
CA LYS A 157 -5.53 -3.22 2.50
C LYS A 157 -4.96 -3.10 1.10
N HIS A 158 -4.81 -1.85 0.66
CA HIS A 158 -4.23 -1.55 -0.66
C HIS A 158 -2.77 -1.95 -0.76
N ALA A 159 -2.02 -1.76 0.32
CA ALA A 159 -0.61 -2.20 0.37
C ALA A 159 -0.51 -3.70 0.09
N VAL A 160 -1.35 -4.49 0.76
CA VAL A 160 -1.42 -5.93 0.55
C VAL A 160 -1.71 -6.30 -0.91
N ILE A 161 -2.56 -5.53 -1.57
CA ILE A 161 -2.85 -5.75 -3.01
C ILE A 161 -1.56 -5.56 -3.79
N GLY A 162 -0.84 -4.47 -3.48
CA GLY A 162 0.44 -4.17 -4.11
C GLY A 162 1.48 -5.24 -3.85
N LEU A 163 1.50 -5.74 -2.62
CA LEU A 163 2.41 -6.79 -2.22
C LEU A 163 2.09 -8.08 -2.98
N THR A 164 0.80 -8.40 -3.06
CA THR A 164 0.33 -9.56 -3.79
C THR A 164 0.80 -9.49 -5.25
N LYS A 165 0.53 -8.35 -5.88
CA LYS A 165 0.88 -8.11 -7.27
C LYS A 165 2.37 -8.28 -7.55
N SER A 166 3.22 -7.65 -6.73
CA SER A 166 4.66 -7.75 -6.97
C SER A 166 5.17 -9.17 -6.77
N ILE A 167 4.83 -9.80 -5.65
CA ILE A 167 5.16 -11.20 -5.43
C ILE A 167 4.71 -12.04 -6.63
N ALA A 168 3.45 -11.92 -7.01
CA ALA A 168 2.95 -12.74 -8.08
C ALA A 168 3.70 -12.48 -9.37
N LEU A 169 4.19 -11.26 -9.53
CA LEU A 169 4.96 -10.91 -10.73
C LEU A 169 6.36 -11.51 -10.67
N ASP A 170 7.05 -11.29 -9.55
CA ASP A 170 8.42 -11.75 -9.37
C ASP A 170 8.59 -13.27 -9.42
N TYR A 171 7.56 -14.00 -8.98
CA TYR A 171 7.70 -15.42 -8.69
C TYR A 171 6.89 -16.36 -9.60
N ALA A 172 6.21 -15.80 -10.59
CA ALA A 172 5.61 -16.63 -11.64
C ALA A 172 6.74 -17.07 -12.56
N PRO A 173 6.64 -18.25 -13.16
CA PRO A 173 5.58 -19.25 -13.04
C PRO A 173 5.84 -20.24 -11.90
N LEU A 174 6.79 -19.91 -11.04
CA LEU A 174 7.17 -20.81 -9.96
C LEU A 174 6.06 -20.90 -8.90
N LEU A 175 5.52 -19.76 -8.52
CA LEU A 175 4.58 -19.68 -7.41
C LEU A 175 3.47 -18.71 -7.76
N ARG A 176 2.25 -19.03 -7.33
CA ARG A 176 1.09 -18.14 -7.48
C ARG A 176 0.82 -17.37 -6.20
N CYS A 177 0.39 -16.12 -6.34
CA CYS A 177 0.03 -15.30 -5.20
C CYS A 177 -1.23 -14.49 -5.53
N ASN A 178 -2.20 -14.49 -4.61
CA ASN A 178 -3.50 -13.86 -4.86
C ASN A 178 -4.05 -13.28 -3.57
N ALA A 179 -5.03 -12.38 -3.70
CA ALA A 179 -5.61 -11.74 -2.52
C ALA A 179 -7.11 -11.96 -2.42
N VAL A 180 -7.56 -12.15 -1.18
CA VAL A 180 -8.99 -12.21 -0.86
C VAL A 180 -9.32 -10.90 -0.16
N CYS A 181 -10.30 -10.17 -0.68
CA CYS A 181 -10.70 -8.89 -0.13
C CYS A 181 -12.13 -9.02 0.43
N PRO A 182 -12.26 -9.39 1.71
CA PRO A 182 -13.58 -9.52 2.32
C PRO A 182 -14.13 -8.20 2.85
N ALA A 183 -15.43 -8.00 2.71
CA ALA A 183 -16.09 -6.86 3.31
C ALA A 183 -16.43 -7.15 4.77
N THR A 184 -17.61 -6.73 5.21
CA THR A 184 -18.04 -6.98 6.59
C THR A 184 -18.44 -8.44 6.74
N ILE A 185 -17.73 -9.12 7.63
CA ILE A 185 -17.94 -10.54 7.91
C ILE A 185 -18.30 -10.72 9.37
N ASP A 186 -19.23 -11.62 9.65
CA ASP A 186 -19.63 -11.94 11.02
C ASP A 186 -18.44 -12.54 11.75
N THR A 187 -17.74 -11.69 12.50
CA THR A 187 -16.58 -12.10 13.28
C THR A 187 -16.69 -11.44 14.64
N PRO A 188 -16.02 -12.01 15.67
CA PRO A 188 -16.04 -11.38 16.99
C PRO A 188 -15.71 -9.89 16.93
N LEU A 189 -14.70 -9.52 16.15
CA LEU A 189 -14.30 -8.12 15.96
C LEU A 189 -15.53 -7.25 15.68
N VAL A 190 -16.23 -7.57 14.58
CA VAL A 190 -17.38 -6.81 14.10
C VAL A 190 -18.56 -6.85 15.08
N ARG A 191 -18.76 -7.99 15.73
CA ARG A 191 -19.78 -8.14 16.78
C ARG A 191 -19.58 -7.08 17.86
N LYS A 192 -18.32 -6.80 18.18
CA LYS A 192 -17.94 -5.82 19.20
C LYS A 192 -18.06 -4.39 18.67
N ALA A 193 -17.72 -4.19 17.39
CA ALA A 193 -17.76 -2.86 16.74
C ALA A 193 -19.16 -2.27 16.69
N ALA A 194 -20.16 -3.15 16.63
CA ALA A 194 -21.56 -2.75 16.77
C ALA A 194 -21.87 -2.51 18.25
N GLU A 195 -21.38 -3.40 19.10
CA GLU A 195 -21.61 -3.38 20.55
C GLU A 195 -21.13 -2.07 21.21
N LEU A 196 -20.06 -1.48 20.67
CA LEU A 196 -19.55 -0.19 21.15
C LEU A 196 -20.51 0.95 20.76
N GLU A 197 -21.09 0.85 19.57
CA GLU A 197 -21.89 1.92 18.99
C GLU A 197 -23.30 2.05 19.57
N VAL A 198 -23.98 0.93 19.81
CA VAL A 198 -25.39 0.96 20.27
C VAL A 198 -25.61 0.47 21.70
N GLY A 199 -24.64 -0.25 22.26
CA GLY A 199 -24.78 -0.90 23.57
C GLY A 199 -24.57 -2.40 23.46
N SER A 200 -24.43 -3.06 24.60
CA SER A 200 -24.18 -4.51 24.63
C SER A 200 -25.48 -5.34 24.57
N ASP A 201 -26.62 -4.66 24.43
CA ASP A 201 -27.92 -5.30 24.27
C ASP A 201 -27.96 -6.13 22.97
N PRO A 202 -28.09 -7.48 23.11
CA PRO A 202 -27.98 -8.41 21.97
C PRO A 202 -29.09 -8.27 20.92
N MET A 203 -30.06 -7.40 21.17
CA MET A 203 -31.16 -7.14 20.24
C MET A 203 -30.82 -5.92 19.38
N ARG A 204 -30.28 -4.89 20.02
CA ARG A 204 -29.83 -3.68 19.32
C ARG A 204 -28.61 -3.96 18.46
N ILE A 205 -27.73 -4.83 18.95
CA ILE A 205 -26.56 -5.28 18.18
C ILE A 205 -27.06 -6.01 16.92
N GLU A 206 -28.03 -6.89 17.10
CA GLU A 206 -28.68 -7.61 16.01
C GLU A 206 -29.24 -6.66 14.95
N LYS A 207 -29.92 -5.61 15.42
CA LYS A 207 -30.49 -4.58 14.57
C LYS A 207 -29.39 -3.80 13.84
N LYS A 208 -28.31 -3.51 14.56
CA LYS A 208 -27.15 -2.81 14.01
C LYS A 208 -26.44 -3.67 12.95
N ILE A 209 -26.37 -4.98 13.20
CA ILE A 209 -25.78 -5.92 12.25
C ILE A 209 -26.67 -6.04 11.01
N SER A 210 -27.97 -6.24 11.22
CA SER A 210 -28.94 -6.34 10.13
C SER A 210 -28.88 -5.12 9.21
N GLU A 211 -28.72 -3.95 9.83
CA GLU A 211 -28.66 -2.68 9.12
C GLU A 211 -27.39 -2.55 8.28
N TRP A 212 -26.26 -2.99 8.83
CA TRP A 212 -25.00 -3.02 8.08
C TRP A 212 -25.10 -3.98 6.90
N GLY A 213 -25.88 -5.05 7.09
CA GLY A 213 -26.13 -6.01 6.03
C GLY A 213 -26.81 -5.39 4.83
N HIS A 214 -27.67 -4.40 5.08
CA HIS A 214 -28.43 -3.76 4.03
C HIS A 214 -27.63 -2.75 3.21
N GLU A 215 -26.46 -2.39 3.70
CA GLU A 215 -25.49 -1.61 2.93
C GLU A 215 -24.95 -2.46 1.79
N HIS A 216 -24.79 -3.75 2.07
CA HIS A 216 -24.45 -4.75 1.07
C HIS A 216 -25.69 -5.03 0.23
N PRO A 217 -25.53 -5.05 -1.11
CA PRO A 217 -26.61 -5.43 -2.01
C PRO A 217 -27.26 -6.79 -1.67
N MET A 218 -26.51 -7.64 -0.95
CA MET A 218 -26.98 -8.97 -0.58
C MET A 218 -27.81 -8.96 0.71
N GLN A 219 -28.13 -7.77 1.19
CA GLN A 219 -28.98 -7.55 2.38
C GLN A 219 -28.50 -8.27 3.64
N ARG A 220 -27.21 -8.59 3.70
CA ARG A 220 -26.60 -9.25 4.85
C ARG A 220 -25.08 -9.12 4.83
N ILE A 221 -24.47 -9.15 6.01
CA ILE A 221 -23.01 -9.26 6.13
C ILE A 221 -22.58 -10.69 5.83
N GLY A 222 -21.27 -10.92 5.78
CA GLY A 222 -20.72 -12.21 5.38
C GLY A 222 -20.52 -13.22 6.49
N LYS A 223 -20.15 -14.42 6.08
CA LYS A 223 -19.84 -15.52 6.99
C LYS A 223 -18.39 -15.89 6.80
N PRO A 224 -17.67 -16.22 7.90
CA PRO A 224 -16.28 -16.67 7.84
C PRO A 224 -16.06 -17.83 6.87
N GLN A 225 -17.02 -18.75 6.78
CA GLN A 225 -16.96 -19.89 5.86
C GLN A 225 -16.82 -19.42 4.42
N GLU A 226 -17.57 -18.39 4.09
CA GLU A 226 -17.59 -17.84 2.73
C GLU A 226 -16.25 -17.26 2.31
N VAL A 227 -15.50 -16.72 3.27
CA VAL A 227 -14.11 -16.31 3.01
C VAL A 227 -13.24 -17.55 2.84
N ALA A 228 -13.31 -18.46 3.81
CA ALA A 228 -12.56 -19.71 3.78
C ALA A 228 -12.71 -20.48 2.47
N SER A 229 -13.86 -20.34 1.80
CA SER A 229 -14.08 -20.98 0.51
C SER A 229 -13.19 -20.41 -0.59
N ALA A 230 -13.11 -19.08 -0.64
CA ALA A 230 -12.32 -18.39 -1.65
C ALA A 230 -10.83 -18.67 -1.45
N VAL A 231 -10.40 -18.65 -0.20
CA VAL A 231 -9.01 -18.92 0.14
C VAL A 231 -8.64 -20.34 -0.32
N ALA A 232 -9.51 -21.31 -0.05
CA ALA A 232 -9.27 -22.70 -0.44
C ALA A 232 -9.28 -22.88 -1.96
N PHE A 233 -10.13 -22.12 -2.64
CA PHE A 233 -10.14 -22.15 -4.09
C PHE A 233 -8.80 -21.64 -4.63
N LEU A 234 -8.37 -20.46 -4.18
CA LEU A 234 -7.15 -19.81 -4.68
C LEU A 234 -5.85 -20.55 -4.32
N ALA A 235 -5.93 -21.42 -3.31
CA ALA A 235 -4.76 -22.17 -2.85
C ALA A 235 -4.64 -23.50 -3.59
N SER A 236 -5.75 -23.96 -4.17
CA SER A 236 -5.79 -25.25 -4.83
C SER A 236 -5.36 -25.17 -6.28
N ARG A 237 -5.23 -26.33 -6.92
CA ARG A 237 -4.90 -26.43 -8.34
C ARG A 237 -6.03 -25.90 -9.23
N GLU A 238 -7.22 -25.75 -8.67
CA GLU A 238 -8.35 -25.18 -9.40
C GLU A 238 -8.04 -23.79 -9.97
N ALA A 239 -7.25 -23.01 -9.22
CA ALA A 239 -6.87 -21.66 -9.63
C ALA A 239 -5.47 -21.62 -10.25
N SER A 240 -5.05 -22.72 -10.85
CA SER A 240 -3.69 -22.86 -11.38
C SER A 240 -3.24 -21.77 -12.39
N PHE A 241 -4.17 -21.03 -12.98
CA PHE A 241 -3.81 -19.99 -13.94
C PHE A 241 -4.18 -18.61 -13.41
N ILE A 242 -4.62 -18.57 -12.15
CA ILE A 242 -5.00 -17.34 -11.50
C ILE A 242 -3.87 -16.88 -10.59
N THR A 243 -3.37 -15.66 -10.84
CA THR A 243 -2.34 -15.06 -10.00
C THR A 243 -2.30 -13.53 -10.07
N GLY A 244 -1.95 -12.93 -8.94
CA GLY A 244 -1.83 -11.48 -8.80
C GLY A 244 -3.14 -10.74 -8.77
N THR A 245 -4.18 -11.41 -8.29
CA THR A 245 -5.55 -10.92 -8.44
C THR A 245 -6.20 -10.84 -7.06
N CYS A 246 -7.19 -9.97 -6.90
CA CYS A 246 -7.96 -9.96 -5.64
C CYS A 246 -9.37 -10.48 -5.85
N LEU A 247 -9.77 -11.41 -5.00
CA LEU A 247 -11.12 -11.94 -5.05
C LEU A 247 -11.93 -11.25 -3.98
N TYR A 248 -12.99 -10.59 -4.42
CA TYR A 248 -13.86 -9.81 -3.55
C TYR A 248 -15.00 -10.65 -3.00
N VAL A 249 -14.89 -11.00 -1.72
CA VAL A 249 -15.95 -11.64 -0.99
C VAL A 249 -16.60 -10.53 -0.19
N ASP A 250 -17.46 -9.77 -0.85
CA ASP A 250 -17.98 -8.51 -0.31
C ASP A 250 -19.48 -8.35 -0.46
N GLY A 251 -20.13 -9.36 -1.02
CA GLY A 251 -21.57 -9.30 -1.24
C GLY A 251 -22.00 -8.19 -2.16
N GLY A 252 -21.10 -7.77 -3.04
CA GLY A 252 -21.39 -6.72 -4.02
C GLY A 252 -21.10 -5.32 -3.54
N LEU A 253 -20.43 -5.21 -2.39
CA LEU A 253 -20.16 -3.90 -1.83
C LEU A 253 -19.32 -3.01 -2.76
N SER A 254 -18.38 -3.63 -3.49
CA SER A 254 -17.49 -2.91 -4.40
C SER A 254 -18.08 -2.81 -5.81
N ILE A 255 -19.24 -3.44 -6.01
CA ILE A 255 -19.88 -3.53 -7.32
C ILE A 255 -20.49 -2.18 -7.73
N ARG A 256 -20.01 -1.12 -7.07
CA ARG A 256 -20.38 0.26 -7.37
C ARG A 256 -19.58 0.79 -8.56
N PHE B 10 -4.37 28.87 -14.56
CA PHE B 10 -5.20 28.52 -13.38
C PHE B 10 -5.16 29.62 -12.31
N SER B 11 -5.96 30.66 -12.50
CA SER B 11 -5.97 31.84 -11.63
C SER B 11 -6.17 31.52 -10.15
N ASP B 12 -6.85 30.43 -9.85
CA ASP B 12 -7.19 30.09 -8.48
C ASP B 12 -5.96 29.70 -7.64
N LEU B 13 -4.93 29.18 -8.31
CA LEU B 13 -3.70 28.76 -7.65
C LEU B 13 -2.85 29.93 -7.16
N ARG B 14 -3.00 31.08 -7.82
CA ARG B 14 -2.28 32.30 -7.46
C ARG B 14 -2.37 32.60 -5.97
N ASP B 15 -1.22 32.69 -5.32
CA ASP B 15 -1.05 33.04 -3.90
C ASP B 15 -1.43 31.97 -2.86
N LYS B 16 -1.95 30.84 -3.34
CA LYS B 16 -2.20 29.72 -2.44
C LYS B 16 -0.87 29.09 -1.98
N VAL B 17 -0.89 28.65 -0.69
CA VAL B 17 0.31 28.06 -0.09
C VAL B 17 0.42 26.58 -0.47
N VAL B 18 1.49 26.26 -1.20
CA VAL B 18 1.67 24.93 -1.78
C VAL B 18 2.97 24.31 -1.28
N ILE B 19 2.85 23.19 -0.57
CA ILE B 19 4.04 22.50 -0.08
C ILE B 19 4.37 21.29 -0.95
N VAL B 20 5.56 21.32 -1.56
CA VAL B 20 6.08 20.20 -2.32
C VAL B 20 7.20 19.57 -1.50
N THR B 21 7.11 18.25 -1.31
CA THR B 21 8.08 17.54 -0.49
C THR B 21 9.29 17.08 -1.30
N GLY B 22 10.22 18.01 -1.53
CA GLY B 22 11.39 17.75 -2.38
C GLY B 22 11.22 18.40 -3.75
N ALA B 23 11.91 19.52 -3.96
CA ALA B 23 11.75 20.30 -5.20
C ALA B 23 13.08 20.70 -5.84
N SER B 24 14.08 19.82 -5.77
CA SER B 24 15.41 20.13 -6.28
C SER B 24 15.64 19.66 -7.71
N MET B 25 15.04 18.52 -8.06
CA MET B 25 15.26 17.91 -9.37
C MET B 25 14.05 17.08 -9.80
N GLY B 26 14.06 16.66 -11.07
CA GLY B 26 13.01 15.82 -11.63
C GLY B 26 11.59 16.34 -11.49
N ILE B 27 10.69 15.45 -11.07
CA ILE B 27 9.26 15.73 -10.93
C ILE B 27 8.97 16.85 -9.92
N GLY B 28 9.54 16.73 -8.72
CA GLY B 28 9.36 17.73 -7.66
C GLY B 28 9.68 19.14 -8.14
N ARG B 29 10.78 19.27 -8.88
CA ARG B 29 11.19 20.52 -9.52
C ARG B 29 10.16 21.02 -10.55
N ALA B 30 9.72 20.14 -11.44
CA ALA B 30 8.75 20.50 -12.48
C ALA B 30 7.46 21.01 -11.85
N ILE B 31 6.98 20.27 -10.85
CA ILE B 31 5.84 20.68 -10.05
C ILE B 31 6.10 22.08 -9.50
N ALA B 32 7.16 22.23 -8.70
CA ALA B 32 7.52 23.51 -8.09
C ALA B 32 7.49 24.62 -9.12
N GLU B 33 8.10 24.38 -10.28
CA GLU B 33 8.14 25.35 -11.38
C GLU B 33 6.74 25.80 -11.80
N ARG B 34 5.86 24.83 -12.00
CA ARG B 34 4.49 25.10 -12.47
C ARG B 34 3.73 26.09 -11.58
N PHE B 35 3.65 25.80 -10.29
CA PHE B 35 2.91 26.61 -9.33
C PHE B 35 3.49 28.02 -9.17
N VAL B 36 4.78 28.17 -9.44
CA VAL B 36 5.41 29.49 -9.45
C VAL B 36 4.93 30.31 -10.65
N ASP B 37 4.84 29.65 -11.82
CA ASP B 37 4.24 30.28 -13.00
C ASP B 37 2.79 30.63 -12.74
N GLU B 38 2.16 29.84 -11.86
CA GLU B 38 0.79 30.09 -11.43
C GLU B 38 0.72 31.19 -10.37
N GLY B 39 1.84 31.45 -9.69
CA GLY B 39 1.94 32.53 -8.72
C GLY B 39 1.69 32.12 -7.27
N SER B 40 2.07 30.89 -6.93
CA SER B 40 1.88 30.38 -5.57
C SER B 40 3.00 30.77 -4.60
N LYS B 41 2.74 30.61 -3.31
CA LYS B 41 3.81 30.59 -2.31
C LYS B 41 4.23 29.13 -2.15
N VAL B 42 5.33 28.79 -2.82
CA VAL B 42 5.81 27.42 -2.85
C VAL B 42 6.80 27.16 -1.72
N ILE B 43 6.48 26.19 -0.88
CA ILE B 43 7.36 25.77 0.21
C ILE B 43 7.96 24.39 -0.10
N ASP B 44 9.27 24.29 0.03
CA ASP B 44 9.97 23.05 -0.21
C ASP B 44 10.30 22.35 1.11
N LEU B 45 9.62 21.25 1.38
CA LEU B 45 9.93 20.38 2.51
C LEU B 45 10.86 19.27 2.06
N SER B 46 12.14 19.43 2.34
CA SER B 46 13.15 18.43 2.02
C SER B 46 14.36 18.58 2.94
N ILE B 47 15.42 17.86 2.60
CA ILE B 47 16.68 17.97 3.34
C ILE B 47 17.73 18.74 2.53
N HIS B 48 17.33 19.23 1.35
CA HIS B 48 18.21 20.00 0.48
C HIS B 48 17.58 21.29 -0.03
N ASP B 49 18.32 22.39 0.05
CA ASP B 49 17.91 23.66 -0.56
C ASP B 49 18.07 23.56 -2.07
N PRO B 50 16.96 23.71 -2.82
CA PRO B 50 16.97 23.54 -4.27
C PRO B 50 17.63 24.70 -5.02
N GLY B 51 18.28 25.61 -4.29
CA GLY B 51 19.06 26.68 -4.90
C GLY B 51 18.28 27.90 -5.35
N GLU B 52 17.16 27.67 -6.04
CA GLU B 52 16.36 28.75 -6.62
C GLU B 52 15.59 29.54 -5.59
N ALA B 53 15.74 30.87 -5.64
CA ALA B 53 15.14 31.78 -4.66
C ALA B 53 13.70 32.19 -5.00
N LYS B 54 12.99 31.31 -5.70
CA LYS B 54 11.57 31.50 -5.99
C LYS B 54 10.73 30.57 -5.11
N TYR B 55 11.37 29.54 -4.56
CA TYR B 55 10.76 28.67 -3.55
C TYR B 55 11.39 28.98 -2.19
N ASP B 56 10.66 28.72 -1.11
CA ASP B 56 11.23 28.80 0.23
C ASP B 56 11.41 27.40 0.81
N HIS B 57 12.60 27.14 1.35
CA HIS B 57 12.95 25.81 1.84
C HIS B 57 12.77 25.70 3.35
N ILE B 58 12.20 24.58 3.79
CA ILE B 58 12.18 24.26 5.21
C ILE B 58 12.87 22.92 5.45
N GLU B 59 13.95 22.96 6.22
CA GLU B 59 14.76 21.78 6.56
C GLU B 59 13.92 20.77 7.33
N CYS B 60 13.67 19.62 6.71
CA CYS B 60 12.87 18.57 7.32
C CYS B 60 13.08 17.21 6.65
N ASP B 61 13.22 16.19 7.50
CA ASP B 61 13.18 14.81 7.05
C ASP B 61 11.78 14.31 7.28
N VAL B 62 11.05 14.13 6.19
CA VAL B 62 9.63 13.80 6.26
C VAL B 62 9.34 12.42 6.87
N THR B 63 10.37 11.57 6.96
CA THR B 63 10.21 10.25 7.59
C THR B 63 10.24 10.34 9.11
N ASN B 64 10.72 11.48 9.61
CA ASN B 64 10.71 11.77 11.04
C ASN B 64 9.47 12.59 11.40
N PRO B 65 8.51 11.98 12.14
CA PRO B 65 7.26 12.66 12.48
C PRO B 65 7.46 13.97 13.24
N ASP B 66 8.38 13.98 14.21
CA ASP B 66 8.68 15.18 15.00
C ASP B 66 9.12 16.36 14.14
N GLN B 67 10.00 16.11 13.17
CA GLN B 67 10.46 17.14 12.25
C GLN B 67 9.31 17.65 11.37
N VAL B 68 8.47 16.74 10.89
CA VAL B 68 7.29 17.10 10.10
C VAL B 68 6.32 17.96 10.92
N LYS B 69 5.98 17.46 12.11
CA LYS B 69 5.07 18.14 13.04
C LYS B 69 5.45 19.62 13.22
N ALA B 70 6.68 19.86 13.64
CA ALA B 70 7.19 21.22 13.80
C ALA B 70 7.20 21.99 12.48
N SER B 71 7.88 21.44 11.48
CA SER B 71 8.00 22.11 10.18
C SER B 71 6.67 22.62 9.65
N ILE B 72 5.64 21.77 9.71
CA ILE B 72 4.29 22.15 9.28
C ILE B 72 3.77 23.35 10.06
N ASP B 73 3.86 23.28 11.40
CA ASP B 73 3.42 24.36 12.28
C ASP B 73 4.15 25.65 11.97
N HIS B 74 5.48 25.55 11.83
CA HIS B 74 6.32 26.66 11.40
C HIS B 74 5.82 27.27 10.10
N ILE B 75 5.52 26.42 9.12
CA ILE B 75 5.00 26.85 7.81
C ILE B 75 3.68 27.60 7.96
N PHE B 76 2.85 27.15 8.92
CA PHE B 76 1.54 27.77 9.13
C PHE B 76 1.62 29.09 9.89
N LYS B 77 2.63 29.23 10.77
CA LYS B 77 2.84 30.50 11.47
C LYS B 77 3.28 31.58 10.47
N GLU B 78 3.96 31.14 9.41
CA GLU B 78 4.53 32.05 8.40
C GLU B 78 3.47 32.55 7.43
N TYR B 79 2.97 31.63 6.60
CA TYR B 79 2.08 31.95 5.50
C TYR B 79 0.60 31.89 5.91
N GLY B 80 0.43 31.54 7.26
CA GLY B 80 -0.89 31.53 7.89
C GLY B 80 -1.97 30.79 7.14
N SER B 81 -1.53 29.86 6.29
CA SER B 81 -2.41 29.15 5.37
C SER B 81 -1.62 27.99 4.76
N ILE B 82 -2.31 26.89 4.48
CA ILE B 82 -1.77 25.78 3.69
C ILE B 82 -2.88 25.29 2.79
N SER B 83 -2.75 25.52 1.48
CA SER B 83 -3.78 25.11 0.53
C SER B 83 -3.47 23.74 -0.07
N VAL B 84 -2.29 23.60 -0.66
CA VAL B 84 -1.94 22.39 -1.39
C VAL B 84 -0.78 21.65 -0.74
N LEU B 85 -0.93 20.33 -0.63
CA LEU B 85 0.15 19.45 -0.17
C LEU B 85 0.44 18.41 -1.24
N VAL B 86 1.60 18.55 -1.86
CA VAL B 86 2.03 17.63 -2.90
C VAL B 86 3.09 16.71 -2.34
N ASN B 87 2.70 15.47 -2.03
CA ASN B 87 3.61 14.46 -1.54
C ASN B 87 4.30 13.74 -2.68
N ASN B 88 5.62 13.76 -2.67
CA ASN B 88 6.43 13.23 -3.77
C ASN B 88 7.78 12.74 -3.25
N ALA B 89 8.30 11.67 -3.82
CA ALA B 89 9.57 11.10 -3.39
C ALA B 89 10.49 10.76 -4.55
N GLY B 90 11.46 11.65 -4.79
CA GLY B 90 12.41 11.47 -5.88
C GLY B 90 13.81 11.92 -5.51
N ILE B 91 14.69 10.95 -5.27
CA ILE B 91 16.06 11.22 -4.79
C ILE B 91 16.04 12.04 -3.48
N GLU B 92 15.36 11.45 -2.49
CA GLU B 92 15.53 11.76 -1.08
C GLU B 92 15.34 10.44 -0.32
N SER B 93 15.36 9.36 -1.11
CA SER B 93 15.43 7.99 -0.62
C SER B 93 16.89 7.70 -0.29
N TYR B 94 17.34 8.17 0.87
CA TYR B 94 18.77 8.28 1.16
C TYR B 94 19.38 7.23 2.08
N GLY B 95 20.44 6.60 1.60
CA GLY B 95 21.14 5.54 2.32
C GLY B 95 22.12 4.87 1.37
N LYS B 96 22.07 3.54 1.31
CA LYS B 96 22.89 2.76 0.36
C LYS B 96 22.03 2.07 -0.72
N ILE B 97 22.16 2.56 -1.95
CA ILE B 97 21.34 2.13 -3.08
C ILE B 97 22.15 2.34 -4.37
N GLU B 98 22.67 1.31 -5.06
CA GLU B 98 22.67 -0.15 -4.76
C GLU B 98 21.36 -0.88 -4.39
N SER B 99 21.51 -2.09 -3.83
CA SER B 99 20.40 -3.01 -3.62
C SER B 99 20.02 -3.19 -2.16
N MET B 100 20.82 -3.95 -1.41
CA MET B 100 20.43 -4.47 -0.08
C MET B 100 19.06 -5.16 -0.17
N SER B 101 18.37 -5.34 0.96
CA SER B 101 17.01 -5.88 0.92
C SER B 101 16.11 -5.53 2.10
N MET B 102 16.25 -6.25 3.21
CA MET B 102 15.22 -6.28 4.26
C MET B 102 15.08 -4.97 5.07
N GLY B 103 16.19 -4.28 5.30
CA GLY B 103 16.18 -2.95 5.89
C GLY B 103 15.87 -1.92 4.83
N GLU B 104 16.34 -2.21 3.61
CA GLU B 104 16.06 -1.38 2.44
C GLU B 104 14.57 -1.41 2.10
N TRP B 105 13.94 -2.56 2.29
CA TRP B 105 12.51 -2.72 2.06
C TRP B 105 11.72 -1.83 3.01
N ARG B 106 12.14 -1.78 4.27
CA ARG B 106 11.47 -0.95 5.27
C ARG B 106 11.66 0.55 4.99
N ARG B 107 12.87 0.91 4.59
CA ARG B 107 13.24 2.32 4.36
C ARG B 107 12.51 2.89 3.15
N ILE B 108 12.30 2.07 2.13
CA ILE B 108 11.53 2.50 0.96
C ILE B 108 10.08 2.75 1.36
N ILE B 109 9.53 1.89 2.22
CA ILE B 109 8.19 2.09 2.78
C ILE B 109 8.13 3.35 3.65
N ASP B 110 9.17 3.58 4.43
CA ASP B 110 9.30 4.82 5.18
C ASP B 110 9.17 6.05 4.27
N VAL B 111 10.04 6.12 3.27
CA VAL B 111 10.09 7.26 2.35
C VAL B 111 8.82 7.40 1.49
N ASN B 112 8.39 6.29 0.90
CA ASN B 112 7.31 6.32 -0.09
C ASN B 112 5.89 6.22 0.47
N LEU B 113 5.76 5.87 1.75
CA LEU B 113 4.44 5.76 2.38
C LEU B 113 4.31 6.60 3.64
N PHE B 114 5.19 6.34 4.62
CA PHE B 114 5.09 7.01 5.93
C PHE B 114 5.33 8.52 5.86
N GLY B 115 6.18 8.95 4.93
CA GLY B 115 6.42 10.37 4.69
C GLY B 115 5.17 11.07 4.19
N TYR B 116 4.33 10.30 3.49
CA TYR B 116 3.05 10.78 2.99
C TYR B 116 2.03 10.86 4.13
N TYR B 117 2.08 9.88 5.04
CA TYR B 117 1.18 9.87 6.19
C TYR B 117 1.49 10.97 7.20
N TYR B 118 2.78 11.24 7.43
CA TYR B 118 3.18 12.23 8.43
C TYR B 118 2.83 13.61 7.97
N ALA B 119 3.29 13.96 6.76
CA ALA B 119 2.94 15.22 6.12
C ALA B 119 1.43 15.47 6.07
N SER B 120 0.66 14.39 5.91
CA SER B 120 -0.80 14.48 5.81
C SER B 120 -1.44 14.67 7.18
N LYS B 121 -1.00 13.90 8.17
CA LYS B 121 -1.59 13.96 9.51
C LYS B 121 -1.44 15.34 10.13
N PHE B 122 -0.33 16.00 9.85
CA PHE B 122 -0.05 17.30 10.46
C PHE B 122 -0.50 18.50 9.63
N ALA B 123 -0.80 18.26 8.35
CA ALA B 123 -1.23 19.33 7.46
C ALA B 123 -2.75 19.48 7.45
N ILE B 124 -3.45 18.35 7.45
CA ILE B 124 -4.92 18.32 7.39
C ILE B 124 -5.60 19.34 8.34
N PRO B 125 -5.28 19.29 9.66
CA PRO B 125 -5.92 20.22 10.62
C PRO B 125 -5.78 21.70 10.23
N TYR B 126 -4.67 22.06 9.59
CA TYR B 126 -4.43 23.41 9.11
C TYR B 126 -5.03 23.66 7.73
N MET B 127 -5.02 22.61 6.90
CA MET B 127 -5.49 22.73 5.53
C MET B 127 -6.99 23.03 5.45
N ILE B 128 -7.78 22.30 6.24
CA ILE B 128 -9.24 22.49 6.30
C ILE B 128 -9.65 23.93 6.68
N ARG B 129 -8.79 24.61 7.44
CA ARG B 129 -8.98 26.02 7.79
C ARG B 129 -8.79 26.94 6.58
N SER B 130 -8.08 26.45 5.57
CA SER B 130 -7.69 27.26 4.41
C SER B 130 -8.69 27.13 3.26
N ARG B 131 -8.45 27.88 2.18
CA ARG B 131 -9.28 27.83 0.98
C ARG B 131 -8.89 26.70 0.03
N ASP B 132 -9.90 26.05 -0.53
CA ASP B 132 -9.77 24.99 -1.53
C ASP B 132 -8.62 24.01 -1.27
N PRO B 133 -8.57 23.41 -0.07
CA PRO B 133 -7.45 22.52 0.21
C PRO B 133 -7.52 21.19 -0.54
N SER B 134 -6.46 20.89 -1.29
CA SER B 134 -6.31 19.59 -1.98
C SER B 134 -4.91 19.01 -1.77
N ILE B 135 -4.87 17.71 -1.54
CA ILE B 135 -3.64 16.96 -1.37
C ILE B 135 -3.43 16.11 -2.61
N VAL B 136 -2.24 16.16 -3.17
CA VAL B 136 -1.92 15.37 -4.37
C VAL B 136 -0.75 14.42 -4.10
N ASN B 137 -1.04 13.13 -4.15
CA ASN B 137 -0.05 12.11 -3.87
C ASN B 137 0.51 11.49 -5.14
N ILE B 138 1.84 11.53 -5.29
CA ILE B 138 2.51 10.95 -6.44
C ILE B 138 3.12 9.61 -6.07
N SER B 139 2.81 8.58 -6.86
CA SER B 139 3.48 7.28 -6.81
C SER B 139 4.91 7.41 -7.28
N SER B 140 5.73 6.46 -6.82
CA SER B 140 7.13 6.35 -7.24
C SER B 140 7.21 6.06 -8.72
N VAL B 141 8.21 6.65 -9.37
CA VAL B 141 8.53 6.35 -10.76
C VAL B 141 9.07 4.92 -10.87
N GLN B 142 9.69 4.44 -9.79
CA GLN B 142 10.30 3.11 -9.72
C GLN B 142 9.27 1.95 -9.74
N ALA B 143 7.99 2.28 -9.68
CA ALA B 143 6.91 1.29 -9.61
C ALA B 143 6.88 0.31 -10.79
N SER B 144 7.00 0.82 -12.02
CA SER B 144 6.89 -0.02 -13.23
C SER B 144 8.21 -0.51 -13.84
N ILE B 145 9.35 0.02 -13.37
CA ILE B 145 10.66 -0.27 -13.97
C ILE B 145 11.08 -1.75 -13.87
N ILE B 146 12.10 -2.06 -13.08
CA ILE B 146 12.67 -3.41 -13.03
C ILE B 146 13.00 -3.81 -11.58
N THR B 147 12.75 -5.08 -11.27
CA THR B 147 13.00 -5.62 -9.95
C THR B 147 14.49 -5.71 -9.61
N LYS B 148 15.03 -4.63 -9.05
CA LYS B 148 16.19 -4.74 -8.17
C LYS B 148 15.61 -5.55 -7.02
N ASN B 149 14.66 -4.90 -6.35
CA ASN B 149 13.50 -5.52 -5.74
C ASN B 149 12.44 -4.43 -5.58
N ALA B 150 11.68 -4.22 -6.65
CA ALA B 150 10.71 -3.14 -6.77
C ALA B 150 9.41 -3.38 -5.99
N SER B 151 9.38 -4.48 -5.24
CA SER B 151 8.20 -4.88 -4.45
C SER B 151 7.80 -3.81 -3.42
N ALA B 152 8.78 -3.15 -2.82
CA ALA B 152 8.52 -2.08 -1.87
C ALA B 152 7.90 -0.87 -2.55
N TYR B 153 8.28 -0.65 -3.81
CA TYR B 153 7.78 0.50 -4.58
C TYR B 153 6.34 0.25 -5.02
N VAL B 154 6.10 -0.93 -5.59
CA VAL B 154 4.75 -1.37 -5.96
C VAL B 154 3.82 -1.37 -4.75
N THR B 155 4.32 -1.86 -3.61
CA THR B 155 3.55 -1.90 -2.37
C THR B 155 3.16 -0.50 -1.86
N SER B 156 4.14 0.41 -1.80
CA SER B 156 3.87 1.73 -1.27
C SER B 156 3.10 2.61 -2.25
N LYS B 157 3.14 2.28 -3.54
CA LYS B 157 2.30 2.94 -4.53
C LYS B 157 0.83 2.61 -4.22
N HIS B 158 0.52 1.32 -4.12
CA HIS B 158 -0.82 0.87 -3.76
C HIS B 158 -1.24 1.35 -2.39
N ALA B 159 -0.32 1.32 -1.44
CA ALA B 159 -0.57 1.90 -0.11
C ALA B 159 -1.01 3.37 -0.22
N VAL B 160 -0.33 4.12 -1.09
CA VAL B 160 -0.62 5.55 -1.29
C VAL B 160 -2.01 5.77 -1.90
N ILE B 161 -2.45 4.87 -2.78
CA ILE B 161 -3.82 4.89 -3.29
C ILE B 161 -4.81 4.77 -2.13
N GLY B 162 -4.66 3.70 -1.33
CA GLY B 162 -5.45 3.50 -0.12
C GLY B 162 -5.48 4.73 0.78
N LEU B 163 -4.32 5.35 0.98
CA LEU B 163 -4.23 6.52 1.84
C LEU B 163 -5.04 7.67 1.25
N THR B 164 -4.80 7.95 -0.03
CA THR B 164 -5.57 8.92 -0.81
C THR B 164 -7.08 8.72 -0.66
N LYS B 165 -7.53 7.47 -0.76
CA LYS B 165 -8.95 7.14 -0.66
C LYS B 165 -9.54 7.36 0.73
N SER B 166 -8.77 7.03 1.78
CA SER B 166 -9.18 7.34 3.15
C SER B 166 -9.39 8.84 3.33
N ILE B 167 -8.33 9.61 3.11
CA ILE B 167 -8.35 11.06 3.27
C ILE B 167 -9.51 11.68 2.51
N ALA B 168 -9.62 11.33 1.22
CA ALA B 168 -10.71 11.79 0.37
C ALA B 168 -12.07 11.62 1.06
N LEU B 169 -12.36 10.39 1.48
CA LEU B 169 -13.65 10.06 2.09
C LEU B 169 -13.87 10.76 3.43
N ASP B 170 -12.82 10.82 4.25
CA ASP B 170 -12.91 11.38 5.59
C ASP B 170 -13.11 12.88 5.60
N TYR B 171 -12.51 13.57 4.62
CA TYR B 171 -12.41 15.02 4.68
C TYR B 171 -13.22 15.75 3.62
N ALA B 172 -14.01 15.00 2.86
CA ALA B 172 -15.00 15.59 1.97
C ALA B 172 -16.14 16.14 2.82
N PRO B 173 -16.72 17.30 2.43
CA PRO B 173 -16.42 18.13 1.26
C PRO B 173 -15.41 19.26 1.54
N LEU B 174 -14.97 19.36 2.79
CA LEU B 174 -13.99 20.38 3.21
C LEU B 174 -12.69 20.35 2.39
N LEU B 175 -12.06 19.19 2.32
CA LEU B 175 -10.75 19.01 1.67
C LEU B 175 -10.76 17.88 0.66
N ARG B 176 -10.03 18.07 -0.45
CA ARG B 176 -9.91 17.05 -1.50
C ARG B 176 -8.56 16.33 -1.44
N CYS B 177 -8.53 15.10 -1.93
CA CYS B 177 -7.31 14.32 -2.01
C CYS B 177 -7.32 13.44 -3.27
N ASN B 178 -6.19 13.41 -3.97
CA ASN B 178 -6.07 12.65 -5.23
C ASN B 178 -4.66 12.12 -5.43
N ALA B 179 -4.55 11.06 -6.22
CA ALA B 179 -3.26 10.50 -6.54
C ALA B 179 -2.94 10.69 -8.02
N VAL B 180 -1.68 11.02 -8.30
CA VAL B 180 -1.13 10.95 -9.66
C VAL B 180 -0.20 9.75 -9.73
N CYS B 181 -0.47 8.86 -10.68
CA CYS B 181 0.28 7.61 -10.85
C CYS B 181 1.14 7.61 -12.13
N PRO B 182 2.40 8.06 -12.01
CA PRO B 182 3.25 8.10 -13.21
C PRO B 182 3.89 6.75 -13.56
N ALA B 183 4.09 6.51 -14.85
CA ALA B 183 4.93 5.41 -15.31
C ALA B 183 6.40 5.85 -15.23
N THR B 184 7.22 5.46 -16.20
CA THR B 184 8.62 5.90 -16.22
C THR B 184 8.72 7.32 -16.76
N ILE B 185 9.28 8.21 -15.94
CA ILE B 185 9.46 9.62 -16.30
C ILE B 185 10.95 9.95 -16.28
N ASP B 186 11.40 10.73 -17.25
CA ASP B 186 12.82 11.10 -17.32
C ASP B 186 13.18 11.96 -16.11
N THR B 187 13.80 11.31 -15.13
CA THR B 187 14.20 11.93 -13.87
C THR B 187 15.58 11.42 -13.44
N PRO B 188 16.25 12.14 -12.52
CA PRO B 188 17.47 11.61 -11.91
C PRO B 188 17.32 10.18 -11.37
N LEU B 189 16.14 9.85 -10.86
CA LEU B 189 15.87 8.49 -10.35
C LEU B 189 15.93 7.41 -11.44
N VAL B 190 15.36 7.71 -12.61
CA VAL B 190 15.32 6.77 -13.72
C VAL B 190 16.68 6.68 -14.41
N ARG B 191 17.36 7.82 -14.53
CA ARG B 191 18.71 7.87 -15.10
C ARG B 191 19.67 7.04 -14.28
N LYS B 192 19.41 6.97 -12.97
CA LYS B 192 20.21 6.17 -12.05
C LYS B 192 19.95 4.67 -12.27
N ALA B 193 18.68 4.32 -12.43
CA ALA B 193 18.26 2.94 -12.70
C ALA B 193 18.89 2.42 -13.98
N ALA B 194 18.91 3.25 -15.01
CA ALA B 194 19.57 2.93 -16.27
C ALA B 194 21.05 2.68 -16.04
N GLU B 195 21.68 3.59 -15.29
CA GLU B 195 23.10 3.52 -14.97
C GLU B 195 23.48 2.25 -14.20
N LEU B 196 22.63 1.85 -13.26
CA LEU B 196 22.89 0.62 -12.50
C LEU B 196 22.71 -0.62 -13.36
N GLU B 197 21.93 -0.49 -14.43
CA GLU B 197 21.71 -1.60 -15.35
C GLU B 197 22.78 -1.69 -16.45
N VAL B 198 23.20 -0.54 -16.99
CA VAL B 198 24.12 -0.52 -18.14
C VAL B 198 25.42 0.29 -17.94
N GLY B 199 25.65 0.76 -16.72
CA GLY B 199 26.86 1.54 -16.42
C GLY B 199 26.70 3.01 -16.77
N SER B 200 27.77 3.78 -16.61
CA SER B 200 27.72 5.23 -16.83
C SER B 200 28.30 5.67 -18.18
N ASP B 201 27.74 5.13 -19.27
CA ASP B 201 28.04 5.61 -20.62
C ASP B 201 26.80 6.36 -21.12
N PRO B 202 26.99 7.63 -21.58
CA PRO B 202 25.88 8.44 -22.11
C PRO B 202 25.04 7.77 -23.21
N MET B 203 25.68 7.05 -24.13
CA MET B 203 24.97 6.32 -25.20
C MET B 203 24.18 5.14 -24.66
N ARG B 204 24.82 4.32 -23.83
CA ARG B 204 24.20 3.13 -23.25
C ARG B 204 23.00 3.48 -22.38
N ILE B 205 23.10 4.57 -21.62
CA ILE B 205 21.99 5.07 -20.82
C ILE B 205 20.88 5.62 -21.71
N GLU B 206 21.28 6.28 -22.81
CA GLU B 206 20.34 6.80 -23.81
C GLU B 206 19.57 5.65 -24.46
N LYS B 207 20.30 4.65 -24.94
CA LYS B 207 19.74 3.46 -25.55
C LYS B 207 18.76 2.74 -24.61
N LYS B 208 19.18 2.51 -23.37
CA LYS B 208 18.34 1.86 -22.35
C LYS B 208 17.05 2.62 -22.10
N ILE B 209 17.16 3.95 -22.02
CA ILE B 209 16.00 4.81 -21.79
C ILE B 209 15.06 4.81 -23.00
N SER B 210 15.64 4.69 -24.19
CA SER B 210 14.87 4.54 -25.42
C SER B 210 14.07 3.25 -25.35
N GLU B 211 14.76 2.18 -24.95
CA GLU B 211 14.17 0.85 -24.76
C GLU B 211 12.99 0.87 -23.78
N TRP B 212 13.13 1.56 -22.65
CA TRP B 212 12.03 1.70 -21.70
C TRP B 212 10.89 2.50 -22.30
N GLY B 213 11.22 3.44 -23.18
CA GLY B 213 10.24 4.23 -23.91
C GLY B 213 9.33 3.39 -24.80
N HIS B 214 9.92 2.39 -25.46
CA HIS B 214 9.17 1.54 -26.37
C HIS B 214 8.29 0.50 -25.65
N GLU B 215 8.44 0.42 -24.33
CA GLU B 215 7.58 -0.38 -23.47
C GLU B 215 6.23 0.30 -23.30
N HIS B 216 6.25 1.62 -23.45
CA HIS B 216 5.04 2.42 -23.37
C HIS B 216 4.52 2.59 -24.79
N PRO B 217 3.21 2.42 -25.01
CA PRO B 217 2.59 2.63 -26.32
C PRO B 217 2.91 4.00 -26.96
N MET B 218 3.18 5.00 -26.13
CA MET B 218 3.59 6.33 -26.62
C MET B 218 5.00 6.34 -27.24
N GLN B 219 5.69 5.19 -27.16
CA GLN B 219 7.02 4.98 -27.76
C GLN B 219 8.13 5.89 -27.21
N ARG B 220 7.90 6.41 -26.00
CA ARG B 220 8.84 7.27 -25.28
C ARG B 220 8.48 7.24 -23.79
N ILE B 221 9.41 7.64 -22.94
CA ILE B 221 9.07 7.82 -21.52
C ILE B 221 8.65 9.27 -21.30
N GLY B 222 7.99 9.52 -20.17
CA GLY B 222 7.41 10.82 -19.89
C GLY B 222 8.38 11.89 -19.49
N LYS B 223 7.91 13.14 -19.51
CA LYS B 223 8.68 14.29 -19.08
C LYS B 223 8.13 14.80 -17.76
N PRO B 224 9.01 15.26 -16.85
CA PRO B 224 8.55 15.79 -15.57
C PRO B 224 7.44 16.84 -15.72
N GLN B 225 7.57 17.71 -16.72
CA GLN B 225 6.57 18.73 -17.05
C GLN B 225 5.17 18.12 -17.22
N GLU B 226 5.12 16.94 -17.83
CA GLU B 226 3.86 16.21 -18.04
C GLU B 226 3.22 15.70 -16.75
N VAL B 227 4.03 15.42 -15.74
CA VAL B 227 3.49 15.10 -14.41
C VAL B 227 3.18 16.37 -13.63
N ALA B 228 3.90 17.46 -13.92
CA ALA B 228 3.59 18.75 -13.32
C ALA B 228 2.17 19.20 -13.64
N SER B 229 1.76 19.01 -14.89
CA SER B 229 0.45 19.45 -15.37
C SER B 229 -0.72 18.81 -14.60
N ALA B 230 -0.67 17.49 -14.47
CA ALA B 230 -1.71 16.73 -13.77
C ALA B 230 -1.85 17.16 -12.31
N VAL B 231 -0.72 17.37 -11.65
CA VAL B 231 -0.70 17.86 -10.27
C VAL B 231 -1.35 19.25 -10.18
N ALA B 232 -0.90 20.18 -11.02
CA ALA B 232 -1.48 21.52 -11.08
C ALA B 232 -2.99 21.43 -11.27
N PHE B 233 -3.42 20.61 -12.23
CA PHE B 233 -4.84 20.43 -12.53
C PHE B 233 -5.65 19.91 -11.35
N LEU B 234 -5.15 18.85 -10.69
CA LEU B 234 -5.86 18.26 -9.56
C LEU B 234 -5.88 19.16 -8.34
N ALA B 235 -4.83 19.96 -8.19
CA ALA B 235 -4.74 20.93 -7.11
C ALA B 235 -5.62 22.15 -7.40
N SER B 236 -5.92 22.36 -8.67
CA SER B 236 -6.68 23.51 -9.16
C SER B 236 -8.19 23.38 -8.90
N ARG B 237 -8.89 24.50 -9.05
CA ARG B 237 -10.35 24.57 -8.93
C ARG B 237 -11.02 23.82 -10.08
N GLU B 238 -10.28 23.64 -11.17
CA GLU B 238 -10.73 22.89 -12.33
C GLU B 238 -11.04 21.44 -11.98
N ALA B 239 -10.53 20.99 -10.84
CA ALA B 239 -10.75 19.63 -10.36
C ALA B 239 -11.62 19.63 -9.10
N SER B 240 -12.42 20.67 -8.92
CA SER B 240 -13.19 20.84 -7.68
C SER B 240 -14.22 19.75 -7.40
N PHE B 241 -14.53 18.92 -8.39
CA PHE B 241 -15.44 17.80 -8.16
C PHE B 241 -14.73 16.44 -8.30
N ILE B 242 -13.46 16.49 -8.63
CA ILE B 242 -12.64 15.30 -8.73
C ILE B 242 -11.98 15.07 -7.39
N THR B 243 -12.22 13.90 -6.80
CA THR B 243 -11.60 13.52 -5.53
C THR B 243 -11.57 12.00 -5.27
N GLY B 244 -10.48 11.54 -4.65
CA GLY B 244 -10.33 10.13 -4.30
C GLY B 244 -9.89 9.21 -5.42
N THR B 245 -9.34 9.78 -6.49
CA THR B 245 -9.01 9.04 -7.70
C THR B 245 -7.50 9.06 -8.01
N CYS B 246 -7.01 8.12 -8.82
CA CYS B 246 -5.65 8.26 -9.38
C CYS B 246 -5.72 8.63 -10.85
N LEU B 247 -4.94 9.65 -11.23
CA LEU B 247 -4.84 10.06 -12.60
C LEU B 247 -3.54 9.49 -13.13
N TYR B 248 -3.66 8.56 -14.08
CA TYR B 248 -2.50 7.86 -14.59
C TYR B 248 -1.80 8.68 -15.66
N VAL B 249 -0.57 9.09 -15.35
CA VAL B 249 0.28 9.78 -16.30
C VAL B 249 1.35 8.78 -16.72
N ASP B 250 0.97 7.87 -17.63
CA ASP B 250 1.77 6.68 -17.90
C ASP B 250 1.99 6.32 -19.37
N GLY B 251 1.56 7.20 -20.28
CA GLY B 251 1.68 6.95 -21.71
C GLY B 251 0.96 5.70 -22.17
N GLY B 252 -0.10 5.35 -21.43
CA GLY B 252 -0.91 4.18 -21.74
C GLY B 252 -0.26 2.86 -21.40
N LEU B 253 0.54 2.83 -20.35
CA LEU B 253 1.23 1.61 -19.94
C LEU B 253 0.28 0.64 -19.25
N SER B 254 -0.61 1.19 -18.43
CA SER B 254 -1.54 0.40 -17.63
C SER B 254 -2.68 -0.23 -18.44
N ILE B 255 -2.89 0.24 -19.66
CA ILE B 255 -3.94 -0.36 -20.50
C ILE B 255 -3.50 -1.63 -21.18
#